data_5J9F
#
_entry.id   5J9F
#
_cell.length_a   75.386
_cell.length_b   75.386
_cell.length_c   101.293
_cell.angle_alpha   90.00
_cell.angle_beta   90.00
_cell.angle_gamma   120.00
#
_symmetry.space_group_name_H-M   'P 32 2 1'
#
loop_
_entity.id
_entity.type
_entity.pdbx_description
1 polymer 'Trifunctional purine biosynthetic protein adenosine-3'
2 non-polymer 'GLYCINAMIDE RIBONUCLEOTIDE'
3 non-polymer 'N-(4-{[2-(2-amino-4-oxo-4,7-dihydro-3H-pyrrolo[2,3-d]pyrimidin-6-yl)ethyl]amino}benzene-1-carbonyl)-L-glutamic acid'
4 water water
#
_entity_poly.entity_id   1
_entity_poly.type   'polypeptide(L)'
_entity_poly.pdbx_seq_one_letter_code
;MARVAVLISGTGSNLQALIDSTREPNSSAQIDIVISNKAAVAGLDKAERAGIPTRVINHKLYKNRVEFDSAIDLVLEEFS
IDIVCLAGFMRILSGPFVAKWNGKMLNIHPSLLPSFKGSNAHEQALETGVTVTGCTVHFVAEDVDAGQIILQEAVPVKRG
DTVATLSERVKLAEHKIFPAALQLVASGTVQLGENGKICWVKEEHHHHHH
;
_entity_poly.pdbx_strand_id   A
#
# COMPACT_ATOMS: atom_id res chain seq x y z
N ALA A 2 7.90 14.74 -4.15
CA ALA A 2 7.49 14.18 -2.86
C ALA A 2 8.32 12.95 -2.51
N ARG A 3 8.68 12.84 -1.23
CA ARG A 3 9.53 11.80 -0.71
C ARG A 3 8.66 10.71 -0.11
N VAL A 4 8.90 9.47 -0.57
CA VAL A 4 8.06 8.32 -0.27
C VAL A 4 8.80 7.20 0.52
N ALA A 5 8.11 6.67 1.52
CA ALA A 5 8.49 5.43 2.21
C ALA A 5 7.54 4.31 1.76
N VAL A 6 8.06 3.12 1.42
CA VAL A 6 7.19 2.01 1.10
C VAL A 6 7.34 0.98 2.18
N LEU A 7 6.22 0.56 2.76
CA LEU A 7 6.24 -0.45 3.81
C LEU A 7 5.76 -1.77 3.22
N ILE A 8 6.43 -2.86 3.58
CA ILE A 8 6.19 -4.15 3.00
C ILE A 8 6.17 -5.19 4.10
N SER A 9 5.63 -6.39 3.82
CA SER A 9 5.73 -7.56 4.69
C SER A 9 6.21 -8.83 3.95
N GLY A 10 6.47 -8.77 2.65
CA GLY A 10 6.75 -9.99 1.93
C GLY A 10 7.39 -9.87 0.55
N THR A 11 6.76 -10.46 -0.45
CA THR A 11 7.37 -10.58 -1.79
C THR A 11 7.84 -9.25 -2.42
N GLY A 12 6.98 -8.24 -2.39
CA GLY A 12 7.36 -6.95 -2.93
C GLY A 12 7.17 -6.70 -4.41
N SER A 13 6.23 -7.41 -5.04
CA SER A 13 5.92 -7.11 -6.45
C SER A 13 5.30 -5.71 -6.59
N ASN A 14 4.47 -5.29 -5.64
CA ASN A 14 3.94 -3.91 -5.70
C ASN A 14 5.07 -2.86 -5.51
N LEU A 15 5.94 -3.11 -4.56
CA LEU A 15 7.15 -2.27 -4.37
C LEU A 15 7.91 -2.13 -5.68
N GLN A 16 8.11 -3.24 -6.37
CA GLN A 16 8.89 -3.23 -7.62
C GLN A 16 8.20 -2.39 -8.68
N ALA A 17 6.87 -2.52 -8.78
CA ALA A 17 6.12 -1.70 -9.72
C ALA A 17 6.25 -0.20 -9.34
N LEU A 18 6.27 0.11 -8.05
CA LEU A 18 6.43 1.50 -7.63
C LEU A 18 7.86 1.99 -7.93
N ILE A 19 8.84 1.12 -7.76
CA ILE A 19 10.22 1.51 -8.09
C ILE A 19 10.32 1.84 -9.55
N ASP A 20 9.75 0.98 -10.42
CA ASP A 20 9.84 1.19 -11.85
C ASP A 20 9.15 2.51 -12.25
N SER A 21 7.94 2.76 -11.74
CA SER A 21 7.23 3.99 -12.14
C SER A 21 7.91 5.26 -11.59
N THR A 22 8.45 5.20 -10.37
CA THR A 22 9.00 6.41 -9.78
C THR A 22 10.37 6.74 -10.37
N ARG A 23 10.91 5.89 -11.22
CA ARG A 23 12.18 6.26 -11.84
C ARG A 23 11.97 6.83 -13.23
N GLU A 24 10.73 6.88 -13.70
CA GLU A 24 10.43 7.57 -14.97
C GLU A 24 10.73 9.06 -14.82
N PRO A 25 11.21 9.73 -15.89
CA PRO A 25 11.57 11.13 -15.75
C PRO A 25 10.44 12.01 -15.18
N ASN A 26 9.19 11.81 -15.57
CA ASN A 26 8.09 12.70 -15.14
C ASN A 26 7.50 12.36 -13.79
N SER A 27 8.09 11.39 -13.10
CA SER A 27 7.58 10.98 -11.79
C SER A 27 7.73 12.10 -10.74
N SER A 28 6.66 12.33 -9.99
CA SER A 28 6.62 13.36 -8.97
C SER A 28 6.94 12.81 -7.60
N ALA A 29 7.28 11.52 -7.57
CA ALA A 29 7.58 10.79 -6.35
C ALA A 29 8.97 10.20 -6.42
N GLN A 30 9.68 10.20 -5.30
CA GLN A 30 10.92 9.44 -5.20
C GLN A 30 10.82 8.54 -3.98
N ILE A 31 11.25 7.29 -4.11
CA ILE A 31 11.21 6.38 -2.98
C ILE A 31 12.52 6.44 -2.22
N ASP A 32 12.50 6.85 -0.96
CA ASP A 32 13.72 7.08 -0.17
C ASP A 32 14.02 6.02 0.90
N ILE A 33 13.06 5.15 1.16
CA ILE A 33 13.27 4.16 2.21
C ILE A 33 12.22 3.06 2.08
N VAL A 34 12.66 1.84 2.31
CA VAL A 34 11.76 0.70 2.33
C VAL A 34 11.83 0.11 3.72
N ILE A 35 10.68 -0.06 4.33
CA ILE A 35 10.60 -0.59 5.69
C ILE A 35 9.83 -1.90 5.68
N SER A 36 10.44 -2.96 6.20
CA SER A 36 9.74 -4.23 6.36
C SER A 36 9.53 -4.55 7.84
N ASN A 37 8.40 -5.18 8.19
CA ASN A 37 8.21 -5.63 9.56
C ASN A 37 8.70 -7.08 9.72
N LYS A 38 9.22 -7.66 8.64
CA LYS A 38 9.65 -9.06 8.64
C LYS A 38 10.99 -9.14 7.94
N ALA A 39 11.91 -9.90 8.55
CA ALA A 39 13.27 -10.07 8.05
C ALA A 39 13.26 -11.03 6.87
N ALA A 40 14.27 -10.90 6.01
CA ALA A 40 14.56 -11.88 4.98
C ALA A 40 13.44 -12.10 3.99
N VAL A 41 12.65 -11.06 3.70
CA VAL A 41 11.61 -11.25 2.70
C VAL A 41 12.12 -10.71 1.37
N ALA A 42 11.55 -11.19 0.27
CA ALA A 42 12.06 -10.88 -1.06
C ALA A 42 12.01 -9.37 -1.41
N GLY A 43 11.07 -8.64 -0.80
CA GLY A 43 10.95 -7.22 -1.11
C GLY A 43 12.18 -6.44 -0.65
N LEU A 44 12.87 -6.97 0.35
CA LEU A 44 14.09 -6.33 0.84
C LEU A 44 15.21 -6.49 -0.17
N ASP A 45 15.27 -7.64 -0.82
CA ASP A 45 16.23 -7.84 -1.92
C ASP A 45 15.96 -6.90 -3.09
N LYS A 46 14.67 -6.72 -3.42
CA LYS A 46 14.31 -5.88 -4.55
C LYS A 46 14.72 -4.44 -4.26
N ALA A 47 14.53 -4.01 -3.01
CA ALA A 47 14.91 -2.66 -2.62
C ALA A 47 16.43 -2.46 -2.72
N GLU A 48 17.20 -3.43 -2.24
CA GLU A 48 18.65 -3.29 -2.23
C GLU A 48 19.18 -3.30 -3.67
N ARG A 49 18.64 -4.17 -4.53
CA ARG A 49 19.12 -4.20 -5.92
C ARG A 49 18.87 -2.86 -6.60
N ALA A 50 17.84 -2.14 -6.17
CA ALA A 50 17.56 -0.84 -6.75
C ALA A 50 18.33 0.30 -6.07
N GLY A 51 19.14 -0.02 -5.07
CA GLY A 51 19.92 1.01 -4.37
C GLY A 51 19.11 1.84 -3.38
N ILE A 52 18.03 1.28 -2.85
CA ILE A 52 17.18 1.98 -1.89
C ILE A 52 17.45 1.47 -0.48
N PRO A 53 17.71 2.38 0.49
CA PRO A 53 17.92 1.97 1.89
C PRO A 53 16.74 1.14 2.40
N THR A 54 17.03 0.18 3.27
CA THR A 54 16.03 -0.66 3.90
C THR A 54 16.15 -0.60 5.43
N ARG A 55 15.02 -0.77 6.13
CA ARG A 55 15.05 -1.06 7.57
C ARG A 55 14.08 -2.19 7.88
N VAL A 56 14.48 -3.05 8.82
CA VAL A 56 13.55 -4.02 9.40
C VAL A 56 13.12 -3.57 10.80
N ILE A 57 11.81 -3.49 11.00
CA ILE A 57 11.27 -3.13 12.29
C ILE A 57 10.29 -4.20 12.72
N ASN A 58 10.78 -5.13 13.53
CA ASN A 58 10.02 -6.32 13.92
C ASN A 58 8.89 -6.05 14.92
N HIS A 59 7.64 -6.11 14.47
CA HIS A 59 6.52 -5.81 15.37
C HIS A 59 6.52 -6.70 16.62
N LYS A 60 7.13 -7.89 16.50
CA LYS A 60 7.14 -8.87 17.59
C LYS A 60 8.06 -8.47 18.75
N LEU A 61 8.85 -7.42 18.55
CA LEU A 61 9.75 -6.94 19.59
C LEU A 61 9.17 -5.77 20.38
N TYR A 62 7.91 -5.43 20.14
CA TYR A 62 7.33 -4.25 20.78
C TYR A 62 6.16 -4.66 21.66
N LYS A 63 5.98 -3.94 22.76
CA LYS A 63 4.89 -4.22 23.69
C LYS A 63 3.53 -4.16 23.00
N ASN A 64 3.26 -3.06 22.32
CA ASN A 64 1.95 -2.85 21.71
C ASN A 64 2.09 -2.20 20.33
N ARG A 65 0.95 -1.97 19.68
CA ARG A 65 0.92 -1.31 18.39
C ARG A 65 1.53 0.11 18.43
N VAL A 66 1.14 0.91 19.42
CA VAL A 66 1.60 2.29 19.49
C VAL A 66 3.12 2.42 19.49
N GLU A 67 3.81 1.55 20.24
CA GLU A 67 5.28 1.62 20.29
C GLU A 67 5.90 1.23 18.96
N PHE A 68 5.31 0.20 18.33
CA PHE A 68 5.74 -0.27 17.02
C PHE A 68 5.61 0.84 15.97
N ASP A 69 4.43 1.44 15.87
CA ASP A 69 4.17 2.55 14.94
C ASP A 69 5.11 3.71 15.23
N SER A 70 5.40 3.92 16.51
CA SER A 70 6.32 4.97 16.92
C SER A 70 7.73 4.75 16.37
N ALA A 71 8.18 3.50 16.37
CA ALA A 71 9.49 3.19 15.81
C ALA A 71 9.49 3.41 14.29
N ILE A 72 8.37 3.12 13.62
CA ILE A 72 8.25 3.39 12.19
C ILE A 72 8.28 4.90 11.92
N ASP A 73 7.51 5.65 12.70
CA ASP A 73 7.45 7.10 12.54
C ASP A 73 8.83 7.78 12.69
N LEU A 74 9.68 7.23 13.56
CA LEU A 74 11.01 7.76 13.73
C LEU A 74 11.82 7.65 12.44
N VAL A 75 11.70 6.51 11.78
CA VAL A 75 12.43 6.31 10.53
C VAL A 75 11.87 7.28 9.49
N LEU A 76 10.55 7.42 9.48
CA LEU A 76 9.87 8.30 8.54
C LEU A 76 10.36 9.74 8.66
N GLU A 77 10.52 10.20 9.89
CA GLU A 77 11.06 11.53 10.15
C GLU A 77 12.54 11.62 9.78
N GLU A 78 13.32 10.60 10.13
CA GLU A 78 14.74 10.57 9.76
C GLU A 78 14.92 10.82 8.26
N PHE A 79 14.10 10.16 7.42
CA PHE A 79 14.22 10.33 5.98
C PHE A 79 13.35 11.43 5.41
N SER A 80 12.86 12.35 6.27
CA SER A 80 11.97 13.46 5.85
C SER A 80 10.87 13.05 4.84
N ILE A 81 10.06 12.06 5.18
CA ILE A 81 9.08 11.47 4.28
C ILE A 81 7.83 12.34 4.15
N ASP A 82 7.31 12.49 2.94
CA ASP A 82 6.02 13.17 2.70
C ASP A 82 4.81 12.21 2.53
N ILE A 83 5.05 11.06 1.90
CA ILE A 83 4.00 10.08 1.59
C ILE A 83 4.44 8.66 1.95
N VAL A 84 3.52 7.89 2.53
CA VAL A 84 3.74 6.49 2.89
C VAL A 84 2.85 5.58 2.03
N CYS A 85 3.45 4.60 1.35
CA CYS A 85 2.67 3.56 0.66
C CYS A 85 2.73 2.21 1.38
N LEU A 86 1.57 1.63 1.72
CA LEU A 86 1.55 0.28 2.31
C LEU A 86 1.41 -0.73 1.17
N ALA A 87 2.44 -1.55 0.95
CA ALA A 87 2.50 -2.37 -0.27
C ALA A 87 2.76 -3.83 0.15
N GLY A 88 1.68 -4.52 0.49
CA GLY A 88 1.75 -5.86 1.03
C GLY A 88 2.10 -5.80 2.51
N PHE A 89 1.92 -4.64 3.14
CA PHE A 89 2.20 -4.47 4.56
C PHE A 89 1.03 -5.07 5.34
N MET A 90 1.28 -6.06 6.19
CA MET A 90 0.14 -6.77 6.79
C MET A 90 -0.14 -6.45 8.26
N ARG A 91 0.11 -5.21 8.69
CA ARG A 91 -0.22 -4.83 10.08
C ARG A 91 -1.30 -3.76 10.09
N ILE A 92 -2.16 -3.81 11.09
CA ILE A 92 -3.12 -2.74 11.32
C ILE A 92 -2.39 -1.62 12.05
N LEU A 93 -2.53 -0.38 11.60
CA LEU A 93 -1.83 0.76 12.23
C LEU A 93 -2.69 1.44 13.31
N SER A 94 -2.05 1.97 14.34
CA SER A 94 -2.79 2.64 15.44
C SER A 94 -3.39 3.97 15.02
N GLY A 95 -4.47 4.31 15.70
CA GLY A 95 -5.12 5.60 15.55
C GLY A 95 -4.25 6.84 15.45
N PRO A 96 -3.32 7.05 16.39
CA PRO A 96 -2.67 8.35 16.29
C PRO A 96 -1.66 8.42 15.14
N PHE A 97 -1.09 7.27 14.80
CA PHE A 97 -0.18 7.19 13.67
C PHE A 97 -0.97 7.51 12.40
N VAL A 98 -2.14 6.90 12.27
CA VAL A 98 -3.02 7.17 11.14
C VAL A 98 -3.45 8.65 11.07
N ALA A 99 -3.70 9.28 12.23
CA ALA A 99 -4.12 10.68 12.27
C ALA A 99 -2.97 11.56 11.78
N LYS A 100 -1.77 11.26 12.26
CA LYS A 100 -0.61 12.08 11.90
C LYS A 100 -0.37 12.08 10.37
N TRP A 101 -0.56 10.93 9.74
CA TRP A 101 -0.30 10.79 8.31
C TRP A 101 -1.56 10.89 7.46
N ASN A 102 -2.63 11.36 8.11
CA ASN A 102 -3.89 11.54 7.41
C ASN A 102 -3.67 12.33 6.13
N GLY A 103 -4.12 11.78 5.01
CA GLY A 103 -4.02 12.49 3.75
C GLY A 103 -2.70 12.19 3.05
N LYS A 104 -1.85 11.41 3.72
CA LYS A 104 -0.48 11.23 3.26
C LYS A 104 -0.07 9.74 3.21
N MET A 105 -1.02 8.84 3.51
CA MET A 105 -0.71 7.44 3.52
C MET A 105 -1.71 6.65 2.65
N LEU A 106 -1.18 5.85 1.73
CA LEU A 106 -1.95 5.06 0.77
C LEU A 106 -1.79 3.55 1.00
N ASN A 107 -2.82 2.78 0.67
CA ASN A 107 -2.79 1.31 0.82
C ASN A 107 -3.28 0.66 -0.47
N ILE A 108 -2.74 -0.49 -0.85
CA ILE A 108 -3.33 -1.28 -1.97
C ILE A 108 -4.07 -2.50 -1.35
N HIS A 109 -5.30 -2.74 -1.78
CA HIS A 109 -6.13 -3.83 -1.23
C HIS A 109 -6.72 -4.66 -2.41
N PRO A 110 -6.58 -6.00 -2.35
CA PRO A 110 -6.92 -6.83 -3.52
C PRO A 110 -8.39 -7.21 -3.57
N SER A 111 -9.26 -6.22 -3.45
CA SER A 111 -10.69 -6.39 -3.79
C SER A 111 -11.22 -5.04 -4.26
N LEU A 112 -12.44 -5.02 -4.77
CA LEU A 112 -13.16 -3.78 -5.03
C LEU A 112 -13.89 -3.36 -3.75
N LEU A 113 -13.22 -2.53 -2.94
CA LEU A 113 -13.83 -2.08 -1.70
C LEU A 113 -15.08 -1.33 -2.10
N PRO A 114 -16.12 -1.40 -1.28
CA PRO A 114 -16.15 -1.91 0.09
C PRO A 114 -16.30 -3.45 0.24
N SER A 115 -16.32 -4.20 -0.84
CA SER A 115 -16.45 -5.65 -0.71
C SER A 115 -15.16 -6.27 -0.14
N PHE A 116 -15.32 -7.30 0.68
CA PHE A 116 -14.21 -8.18 1.09
C PHE A 116 -13.08 -7.42 1.76
N LYS A 117 -13.43 -6.68 2.79
CA LYS A 117 -12.38 -6.04 3.59
C LYS A 117 -11.56 -7.09 4.34
N GLY A 118 -10.36 -6.73 4.77
CA GLY A 118 -9.58 -7.61 5.61
C GLY A 118 -8.48 -8.35 4.87
N SER A 119 -7.90 -9.35 5.53
CA SER A 119 -6.59 -9.85 5.12
C SER A 119 -6.62 -11.04 4.18
N ASN A 120 -7.82 -11.59 3.95
CA ASN A 120 -8.04 -12.73 3.04
C ASN A 120 -9.07 -12.44 1.93
N ALA A 121 -8.91 -11.31 1.26
CA ALA A 121 -9.89 -10.85 0.30
C ALA A 121 -10.16 -11.88 -0.79
N HIS A 122 -9.12 -12.52 -1.33
CA HIS A 122 -9.37 -13.51 -2.41
C HIS A 122 -10.18 -14.70 -1.92
N GLU A 123 -9.88 -15.20 -0.71
CA GLU A 123 -10.65 -16.33 -0.18
C GLU A 123 -12.12 -15.92 -0.07
N GLN A 124 -12.38 -14.73 0.45
CA GLN A 124 -13.79 -14.25 0.55
C GLN A 124 -14.46 -14.15 -0.84
N ALA A 125 -13.73 -13.62 -1.82
CA ALA A 125 -14.30 -13.42 -3.13
C ALA A 125 -14.67 -14.76 -3.78
N LEU A 126 -13.77 -15.75 -3.65
CA LEU A 126 -14.01 -17.10 -4.19
C LEU A 126 -15.15 -17.81 -3.44
N GLU A 127 -15.23 -17.62 -2.13
CA GLU A 127 -16.29 -18.27 -1.33
C GLU A 127 -17.67 -17.66 -1.68
N THR A 128 -17.69 -16.36 -1.90
CA THR A 128 -18.94 -15.65 -2.24
C THR A 128 -19.39 -15.98 -3.66
N GLY A 129 -18.45 -16.17 -4.58
CA GLY A 129 -18.80 -16.59 -5.93
C GLY A 129 -19.00 -15.44 -6.90
N VAL A 130 -18.37 -14.29 -6.65
CA VAL A 130 -18.42 -13.18 -7.60
C VAL A 130 -17.70 -13.57 -8.90
N THR A 131 -18.10 -12.96 -10.02
CA THR A 131 -17.38 -13.19 -11.27
C THR A 131 -16.51 -12.00 -11.65
N VAL A 132 -16.66 -10.94 -10.89
CA VAL A 132 -15.81 -9.76 -11.02
C VAL A 132 -15.27 -9.37 -9.63
N THR A 133 -13.94 -9.32 -9.52
CA THR A 133 -13.29 -8.75 -8.34
C THR A 133 -12.37 -7.60 -8.82
N GLY A 134 -11.28 -7.31 -8.12
CA GLY A 134 -10.42 -6.25 -8.59
C GLY A 134 -9.56 -5.77 -7.42
N CYS A 135 -9.04 -4.56 -7.52
CA CYS A 135 -8.19 -4.02 -6.47
C CYS A 135 -8.49 -2.52 -6.27
N THR A 136 -8.02 -1.99 -5.16
CA THR A 136 -8.35 -0.65 -4.69
C THR A 136 -7.13 -0.02 -4.06
N VAL A 137 -6.84 1.21 -4.48
CA VAL A 137 -5.93 2.05 -3.71
C VAL A 137 -6.71 3.11 -2.97
N HIS A 138 -6.45 3.24 -1.67
CA HIS A 138 -7.21 4.18 -0.89
C HIS A 138 -6.33 4.87 0.13
N PHE A 139 -6.76 6.06 0.54
CA PHE A 139 -6.17 6.71 1.70
C PHE A 139 -6.42 5.88 2.96
N VAL A 140 -5.45 5.82 3.85
CA VAL A 140 -5.59 5.03 5.05
C VAL A 140 -6.29 5.87 6.13
N ALA A 141 -7.44 5.40 6.57
CA ALA A 141 -8.11 5.99 7.73
C ALA A 141 -8.02 4.99 8.90
N GLU A 142 -8.53 5.39 10.05
CA GLU A 142 -8.41 4.57 11.22
C GLU A 142 -9.23 3.32 11.07
N ASP A 143 -10.45 3.47 10.59
CA ASP A 143 -11.27 2.33 10.22
C ASP A 143 -10.66 1.53 9.03
N VAL A 144 -10.38 0.26 9.26
CA VAL A 144 -9.56 -0.52 8.35
C VAL A 144 -10.19 -0.76 6.95
N ASP A 145 -9.42 -0.50 5.87
CA ASP A 145 -9.90 -0.67 4.49
C ASP A 145 -11.17 0.14 4.25
N ALA A 146 -11.31 1.27 4.93
CA ALA A 146 -12.49 2.10 4.77
C ALA A 146 -12.15 3.55 4.37
N GLY A 147 -10.87 3.89 4.22
CA GLY A 147 -10.48 5.25 3.87
C GLY A 147 -10.96 5.63 2.46
N GLN A 148 -10.73 6.89 2.07
CA GLN A 148 -11.23 7.38 0.78
C GLN A 148 -10.50 6.76 -0.44
N ILE A 149 -11.30 6.34 -1.40
CA ILE A 149 -10.86 5.57 -2.54
C ILE A 149 -10.28 6.51 -3.56
N ILE A 150 -9.09 6.18 -4.03
CA ILE A 150 -8.42 6.96 -5.05
C ILE A 150 -8.59 6.35 -6.46
N LEU A 151 -8.16 5.09 -6.65
CA LEU A 151 -8.40 4.40 -7.92
C LEU A 151 -8.82 2.93 -7.67
N GLN A 152 -9.52 2.35 -8.64
CA GLN A 152 -9.85 0.91 -8.58
C GLN A 152 -9.71 0.33 -9.98
N GLU A 153 -9.45 -0.97 -10.06
CA GLU A 153 -9.54 -1.61 -11.37
C GLU A 153 -10.19 -2.97 -11.26
N ALA A 154 -11.17 -3.27 -12.13
CA ALA A 154 -11.87 -4.55 -12.07
C ALA A 154 -11.05 -5.66 -12.74
N VAL A 155 -11.22 -6.89 -12.26
CA VAL A 155 -10.53 -8.05 -12.78
C VAL A 155 -11.48 -9.27 -12.79
N PRO A 156 -11.59 -9.98 -13.92
CA PRO A 156 -12.55 -11.11 -13.93
C PRO A 156 -12.10 -12.26 -13.03
N VAL A 157 -13.06 -12.98 -12.46
CA VAL A 157 -12.79 -14.28 -11.83
C VAL A 157 -13.12 -15.38 -12.86
N LYS A 158 -12.18 -16.30 -13.10
CA LYS A 158 -12.41 -17.40 -14.04
C LYS A 158 -12.90 -18.64 -13.28
N ARG A 159 -13.70 -19.48 -13.94
CA ARG A 159 -14.18 -20.69 -13.29
C ARG A 159 -12.97 -21.56 -13.00
N GLY A 160 -12.94 -22.12 -11.81
CA GLY A 160 -11.83 -22.94 -11.39
C GLY A 160 -10.73 -22.11 -10.73
N ASP A 161 -10.92 -20.79 -10.58
CA ASP A 161 -9.83 -19.98 -10.00
C ASP A 161 -9.51 -20.44 -8.59
N THR A 162 -8.27 -20.28 -8.16
CA THR A 162 -7.89 -20.49 -6.78
C THR A 162 -7.31 -19.19 -6.28
N VAL A 163 -7.00 -19.08 -4.97
CA VAL A 163 -6.22 -17.93 -4.50
C VAL A 163 -4.92 -17.74 -5.35
N ALA A 164 -4.19 -18.81 -5.64
CA ALA A 164 -2.95 -18.63 -6.48
C ALA A 164 -3.25 -18.00 -7.86
N THR A 165 -4.22 -18.53 -8.61
CA THR A 165 -4.43 -17.99 -9.98
C THR A 165 -5.15 -16.61 -9.95
N LEU A 166 -6.08 -16.40 -9.03
CA LEU A 166 -6.75 -15.08 -8.95
C LEU A 166 -5.83 -13.98 -8.44
N SER A 167 -5.01 -14.26 -7.42
CA SER A 167 -4.17 -13.20 -6.92
C SER A 167 -3.12 -12.82 -7.96
N GLU A 168 -2.69 -13.77 -8.79
CA GLU A 168 -1.76 -13.47 -9.86
C GLU A 168 -2.40 -12.51 -10.89
N ARG A 169 -3.63 -12.79 -11.30
CA ARG A 169 -4.31 -11.93 -12.21
C ARG A 169 -4.57 -10.53 -11.56
N VAL A 170 -5.01 -10.50 -10.32
CA VAL A 170 -5.30 -9.21 -9.69
C VAL A 170 -4.00 -8.37 -9.51
N LYS A 171 -2.87 -9.02 -9.21
CA LYS A 171 -1.60 -8.26 -9.04
C LYS A 171 -1.21 -7.52 -10.30
N LEU A 172 -1.59 -8.04 -11.47
CA LEU A 172 -1.26 -7.35 -12.70
C LEU A 172 -2.00 -5.99 -12.71
N ALA A 173 -3.18 -5.96 -12.12
CA ALA A 173 -3.90 -4.69 -12.09
C ALA A 173 -3.39 -3.82 -10.90
N GLU A 174 -2.97 -4.45 -9.81
CA GLU A 174 -2.44 -3.67 -8.69
C GLU A 174 -1.24 -2.88 -9.17
N HIS A 175 -0.41 -3.54 -9.98
CA HIS A 175 0.82 -2.92 -10.45
C HIS A 175 0.61 -1.76 -11.41
N LYS A 176 -0.63 -1.59 -11.89
CA LYS A 176 -0.99 -0.43 -12.69
C LYS A 176 -1.56 0.69 -11.81
N ILE A 177 -2.53 0.41 -10.96
CA ILE A 177 -3.17 1.53 -10.28
C ILE A 177 -2.37 2.05 -9.09
N PHE A 178 -1.51 1.24 -8.48
CA PHE A 178 -0.79 1.80 -7.32
C PHE A 178 0.20 2.87 -7.80
N PRO A 179 0.97 2.62 -8.87
CA PRO A 179 1.81 3.73 -9.36
C PRO A 179 1.02 4.92 -9.89
N ALA A 180 -0.11 4.69 -10.57
CA ALA A 180 -0.92 5.81 -11.03
C ALA A 180 -1.42 6.65 -9.82
N ALA A 181 -1.91 5.98 -8.77
CA ALA A 181 -2.43 6.67 -7.58
C ALA A 181 -1.32 7.43 -6.85
N LEU A 182 -0.13 6.84 -6.79
CA LEU A 182 0.99 7.49 -6.13
C LEU A 182 1.34 8.76 -6.88
N GLN A 183 1.38 8.66 -8.21
CA GLN A 183 1.67 9.84 -9.02
C GLN A 183 0.56 10.94 -8.87
N LEU A 184 -0.71 10.55 -8.82
CA LEU A 184 -1.80 11.49 -8.54
C LEU A 184 -1.62 12.27 -7.23
N VAL A 185 -1.19 11.58 -6.19
CA VAL A 185 -1.10 12.22 -4.89
C VAL A 185 0.21 13.02 -4.78
N ALA A 186 1.34 12.43 -5.21
CA ALA A 186 2.60 13.17 -5.19
C ALA A 186 2.58 14.46 -6.04
N SER A 187 1.87 14.46 -7.16
CA SER A 187 1.79 15.64 -7.99
C SER A 187 0.79 16.69 -7.43
N GLY A 188 0.03 16.36 -6.38
CA GLY A 188 -0.98 17.27 -5.88
C GLY A 188 -2.25 17.31 -6.72
N THR A 189 -2.35 16.42 -7.70
CA THR A 189 -3.56 16.34 -8.51
C THR A 189 -4.79 15.85 -7.70
N VAL A 190 -4.53 14.98 -6.74
CA VAL A 190 -5.58 14.46 -5.88
C VAL A 190 -5.17 14.65 -4.45
N GLN A 191 -6.10 15.07 -3.59
CA GLN A 191 -5.79 15.17 -2.17
C GLN A 191 -7.01 14.81 -1.35
N LEU A 192 -6.77 14.51 -0.10
CA LEU A 192 -7.83 14.31 0.83
C LEU A 192 -8.39 15.70 1.17
N GLY A 193 -9.67 15.94 0.90
CA GLY A 193 -10.22 17.27 1.14
C GLY A 193 -10.59 17.55 2.59
N GLU A 194 -10.69 18.84 2.97
CA GLU A 194 -11.02 19.25 4.35
C GLU A 194 -12.29 18.56 4.88
N ASN A 195 -13.28 18.36 4.01
CA ASN A 195 -14.51 17.67 4.36
C ASN A 195 -14.38 16.14 4.43
N GLY A 196 -13.18 15.63 4.16
CA GLY A 196 -12.91 14.20 4.30
C GLY A 196 -13.12 13.35 3.06
N LYS A 197 -13.62 13.98 1.98
CA LYS A 197 -13.79 13.30 0.70
C LYS A 197 -12.62 13.58 -0.22
N ILE A 198 -12.52 12.76 -1.26
CA ILE A 198 -11.46 12.89 -2.26
C ILE A 198 -11.62 14.20 -3.07
N CYS A 199 -10.53 14.93 -3.29
CA CYS A 199 -10.62 16.15 -4.10
C CYS A 199 -9.65 16.07 -5.29
N TRP A 200 -10.20 16.19 -6.50
CA TRP A 200 -9.40 16.26 -7.69
C TRP A 200 -9.21 17.73 -8.04
N VAL A 201 -7.95 18.16 -8.11
CA VAL A 201 -7.58 19.54 -8.33
C VAL A 201 -7.25 19.84 -9.81
#